data_1WKJ
#
_entry.id   1WKJ
#
_cell.length_a   123.676
_cell.length_b   123.676
_cell.length_c   104.527
_cell.angle_alpha   90.00
_cell.angle_beta   90.00
_cell.angle_gamma   120.00
#
_symmetry.space_group_name_H-M   'P 63 2 2'
#
loop_
_entity.id
_entity.type
_entity.pdbx_description
1 polymer 'nucleoside diphosphate kinase'
2 water water
#
_entity_poly.entity_id   1
_entity_poly.type   'polypeptide(L)'
_entity_poly.pdbx_seq_one_letter_code
;MERTFVMIKPDGVRRGLVGEILARFERKGFRIAALKLMQISQELAERHYAEHREKPFFPGLVRFITSGPVVAMVLEGPGV
VAEVRKMMGATHPKDALPGTIRGDFATTIDENVIHGSATLEDAQREIALFFRPEELL
;
_entity_poly.pdbx_strand_id   A,B
#
# COMPACT_ATOMS: atom_id res chain seq x y z
N MET A 1 18.67 5.19 -3.89
CA MET A 1 19.13 5.52 -5.27
C MET A 1 18.51 4.55 -6.29
N GLU A 2 19.03 3.33 -6.33
CA GLU A 2 18.53 2.32 -7.24
C GLU A 2 17.07 2.03 -6.88
N ARG A 3 16.24 1.78 -7.90
CA ARG A 3 14.83 1.51 -7.68
C ARG A 3 14.33 0.35 -8.53
N THR A 4 13.35 -0.37 -8.02
CA THR A 4 12.77 -1.48 -8.77
C THR A 4 11.26 -1.41 -8.68
N PHE A 5 10.59 -1.97 -9.68
CA PHE A 5 9.14 -1.99 -9.71
C PHE A 5 8.63 -3.34 -9.22
N VAL A 6 7.65 -3.31 -8.34
CA VAL A 6 7.07 -4.53 -7.81
C VAL A 6 5.56 -4.42 -7.91
N MET A 7 4.93 -5.55 -8.22
CA MET A 7 3.49 -5.61 -8.34
C MET A 7 2.98 -6.88 -7.67
N ILE A 8 2.04 -6.73 -6.76
CA ILE A 8 1.43 -7.88 -6.11
C ILE A 8 0.26 -8.13 -7.05
N LYS A 9 0.29 -9.28 -7.72
CA LYS A 9 -0.74 -9.65 -8.69
C LYS A 9 -2.14 -9.80 -8.12
N PRO A 10 -3.17 -9.88 -8.99
CA PRO A 10 -4.56 -10.01 -8.55
C PRO A 10 -4.81 -11.14 -7.54
N ASP A 11 -4.10 -12.25 -7.68
CA ASP A 11 -4.28 -13.37 -6.76
C ASP A 11 -3.72 -13.04 -5.37
N GLY A 12 -2.60 -12.33 -5.34
CA GLY A 12 -2.00 -11.96 -4.06
C GLY A 12 -2.90 -10.98 -3.30
N VAL A 13 -3.55 -10.08 -4.03
CA VAL A 13 -4.43 -9.09 -3.41
C VAL A 13 -5.70 -9.79 -2.93
N ARG A 14 -6.23 -10.64 -3.78
CA ARG A 14 -7.43 -11.41 -3.50
C ARG A 14 -7.26 -12.28 -2.23
N ARG A 15 -6.06 -12.83 -2.05
CA ARG A 15 -5.81 -13.69 -0.90
C ARG A 15 -5.36 -12.96 0.37
N GLY A 16 -5.40 -11.63 0.34
CA GLY A 16 -5.01 -10.84 1.49
C GLY A 16 -3.55 -10.93 1.90
N LEU A 17 -2.66 -10.95 0.92
CA LEU A 17 -1.23 -11.06 1.17
C LEU A 17 -0.45 -9.74 1.03
N VAL A 18 -1.14 -8.64 0.77
CA VAL A 18 -0.47 -7.36 0.57
C VAL A 18 0.40 -6.90 1.75
N GLY A 19 -0.18 -6.84 2.94
CA GLY A 19 0.58 -6.41 4.11
C GLY A 19 1.75 -7.32 4.44
N GLU A 20 1.51 -8.62 4.43
CA GLU A 20 2.55 -9.59 4.73
C GLU A 20 3.75 -9.43 3.81
N ILE A 21 3.50 -9.28 2.52
CA ILE A 21 4.58 -9.11 1.55
C ILE A 21 5.28 -7.78 1.73
N LEU A 22 4.50 -6.72 1.88
CA LEU A 22 5.06 -5.38 2.06
C LEU A 22 5.94 -5.38 3.31
N ALA A 23 5.48 -6.07 4.35
CA ALA A 23 6.22 -6.14 5.60
C ALA A 23 7.60 -6.76 5.41
N ARG A 24 7.71 -7.75 4.53
CA ARG A 24 9.00 -8.39 4.29
C ARG A 24 9.99 -7.39 3.69
N PHE A 25 9.52 -6.51 2.82
CA PHE A 25 10.40 -5.53 2.21
C PHE A 25 10.80 -4.45 3.21
N GLU A 26 9.87 -4.08 4.08
CA GLU A 26 10.17 -3.08 5.10
C GLU A 26 11.17 -3.66 6.11
N ARG A 27 10.99 -4.92 6.49
CA ARG A 27 11.91 -5.56 7.44
C ARG A 27 13.31 -5.66 6.86
N LYS A 28 13.38 -5.83 5.54
CA LYS A 28 14.63 -5.95 4.82
C LYS A 28 15.39 -4.63 4.86
N GLY A 29 14.65 -3.53 4.97
CA GLY A 29 15.29 -2.23 5.01
C GLY A 29 15.06 -1.34 3.80
N PHE A 30 14.31 -1.83 2.81
CA PHE A 30 14.06 -1.02 1.62
C PHE A 30 13.02 0.06 1.88
N ARG A 31 13.10 1.14 1.11
CA ARG A 31 12.18 2.26 1.23
C ARG A 31 11.08 2.21 0.17
N ILE A 32 9.86 2.52 0.59
CA ILE A 32 8.72 2.54 -0.32
C ILE A 32 8.72 3.92 -1.00
N ALA A 33 9.10 3.96 -2.27
CA ALA A 33 9.16 5.21 -3.03
C ALA A 33 7.83 5.54 -3.71
N ALA A 34 7.00 4.51 -3.91
CA ALA A 34 5.70 4.70 -4.53
C ALA A 34 4.81 3.51 -4.18
N LEU A 35 3.50 3.72 -4.16
CA LEU A 35 2.58 2.65 -3.81
C LEU A 35 1.15 3.02 -4.17
N LYS A 36 0.42 2.07 -4.76
CA LYS A 36 -0.98 2.33 -5.10
C LYS A 36 -1.73 1.08 -5.52
N LEU A 37 -3.00 1.03 -5.13
CA LEU A 37 -3.88 -0.07 -5.52
C LEU A 37 -4.37 0.43 -6.86
N MET A 38 -4.37 -0.43 -7.88
CA MET A 38 -4.83 -0.01 -9.20
C MET A 38 -5.40 -1.16 -10.00
N GLN A 39 -6.21 -0.82 -11.01
CA GLN A 39 -6.79 -1.81 -11.90
C GLN A 39 -5.99 -1.65 -13.20
N ILE A 40 -5.32 -2.72 -13.61
CA ILE A 40 -4.52 -2.66 -14.84
C ILE A 40 -5.45 -2.57 -16.05
N SER A 41 -5.26 -1.56 -16.89
CA SER A 41 -6.10 -1.41 -18.08
C SER A 41 -5.67 -2.43 -19.13
N GLN A 42 -6.53 -2.68 -20.10
CA GLN A 42 -6.21 -3.64 -21.15
C GLN A 42 -4.96 -3.17 -21.88
N GLU A 43 -4.86 -1.86 -22.09
CA GLU A 43 -3.71 -1.28 -22.79
C GLU A 43 -2.43 -1.48 -21.98
N LEU A 44 -2.49 -1.19 -20.68
CA LEU A 44 -1.32 -1.34 -19.83
C LEU A 44 -0.83 -2.78 -19.81
N ALA A 45 -1.77 -3.73 -19.70
CA ALA A 45 -1.42 -5.15 -19.66
C ALA A 45 -0.76 -5.59 -20.96
N GLU A 46 -1.29 -5.14 -22.09
CA GLU A 46 -0.72 -5.49 -23.39
C GLU A 46 0.64 -4.84 -23.54
N ARG A 47 0.78 -3.59 -23.09
CA ARG A 47 2.05 -2.88 -23.17
C ARG A 47 3.08 -3.67 -22.36
N HIS A 48 2.68 -4.05 -21.14
CA HIS A 48 3.56 -4.78 -20.24
C HIS A 48 4.03 -6.13 -20.80
N TYR A 49 3.10 -6.91 -21.34
CA TYR A 49 3.42 -8.22 -21.90
C TYR A 49 3.60 -8.22 -23.42
N ALA A 50 3.85 -7.04 -24.00
CA ALA A 50 4.03 -6.92 -25.44
C ALA A 50 4.95 -7.99 -26.02
N GLU A 51 6.01 -8.30 -25.28
CA GLU A 51 6.98 -9.31 -25.69
C GLU A 51 6.35 -10.63 -26.10
N HIS A 52 5.20 -10.95 -25.51
CA HIS A 52 4.52 -12.22 -25.80
C HIS A 52 3.23 -12.05 -26.60
N ARG A 53 3.00 -10.87 -27.17
CA ARG A 53 1.77 -10.63 -27.93
C ARG A 53 1.55 -11.67 -29.02
N GLU A 54 2.62 -12.34 -29.44
CA GLU A 54 2.53 -13.35 -30.48
C GLU A 54 2.22 -14.72 -29.89
N LYS A 55 2.80 -14.99 -28.72
CA LYS A 55 2.62 -16.27 -28.03
C LYS A 55 1.14 -16.63 -27.92
N PRO A 56 0.84 -17.93 -27.76
CA PRO A 56 -0.55 -18.41 -27.63
C PRO A 56 -1.08 -18.25 -26.21
N PHE A 57 -0.18 -18.09 -25.25
CA PHE A 57 -0.56 -17.93 -23.85
C PHE A 57 -0.76 -16.46 -23.49
N PHE A 58 -0.50 -15.58 -24.45
CA PHE A 58 -0.63 -14.14 -24.24
C PHE A 58 -2.01 -13.73 -23.74
N PRO A 59 -3.08 -14.08 -24.48
CA PRO A 59 -4.42 -13.70 -24.04
C PRO A 59 -4.66 -14.11 -22.58
N GLY A 60 -4.03 -15.20 -22.18
CA GLY A 60 -4.17 -15.69 -20.82
C GLY A 60 -3.51 -14.78 -19.80
N LEU A 61 -2.26 -14.39 -20.07
CA LEU A 61 -1.53 -13.50 -19.17
C LEU A 61 -2.29 -12.21 -18.94
N VAL A 62 -2.86 -11.67 -20.02
CA VAL A 62 -3.61 -10.41 -19.97
C VAL A 62 -4.89 -10.52 -19.15
N ARG A 63 -5.66 -11.57 -19.38
CA ARG A 63 -6.91 -11.76 -18.65
C ARG A 63 -6.63 -11.88 -17.15
N PHE A 64 -5.61 -12.63 -16.79
CA PHE A 64 -5.26 -12.81 -15.39
C PHE A 64 -4.76 -11.56 -14.71
N ILE A 65 -3.83 -10.86 -15.35
CA ILE A 65 -3.27 -9.65 -14.75
C ILE A 65 -4.30 -8.53 -14.61
N THR A 66 -5.41 -8.64 -15.33
CA THR A 66 -6.47 -7.63 -15.26
C THR A 66 -7.73 -8.21 -14.61
N SER A 67 -7.62 -9.41 -14.07
CA SER A 67 -8.75 -10.08 -13.43
C SER A 67 -9.22 -9.40 -12.14
N GLY A 68 -8.37 -8.54 -11.60
CA GLY A 68 -8.73 -7.84 -10.38
C GLY A 68 -7.67 -6.80 -10.06
N PRO A 69 -7.88 -5.96 -9.04
CA PRO A 69 -6.86 -4.95 -8.73
C PRO A 69 -5.54 -5.53 -8.25
N VAL A 70 -4.47 -4.77 -8.47
CA VAL A 70 -3.13 -5.16 -8.05
C VAL A 70 -2.59 -4.04 -7.19
N VAL A 71 -1.50 -4.31 -6.50
CA VAL A 71 -0.84 -3.30 -5.70
C VAL A 71 0.50 -3.09 -6.34
N ALA A 72 0.68 -1.92 -6.95
CA ALA A 72 1.93 -1.57 -7.61
C ALA A 72 2.77 -0.80 -6.62
N MET A 73 4.09 -0.90 -6.75
CA MET A 73 4.97 -0.19 -5.84
C MET A 73 6.37 -0.06 -6.41
N VAL A 74 7.12 0.89 -5.86
CA VAL A 74 8.50 1.11 -6.25
C VAL A 74 9.30 1.02 -4.96
N LEU A 75 10.29 0.12 -4.95
CA LEU A 75 11.15 -0.07 -3.78
C LEU A 75 12.51 0.54 -4.10
N GLU A 76 13.09 1.20 -3.09
CA GLU A 76 14.37 1.87 -3.24
C GLU A 76 15.40 1.38 -2.22
N GLY A 77 16.65 1.24 -2.67
CA GLY A 77 17.70 0.79 -1.78
C GLY A 77 18.87 0.16 -2.51
N PRO A 78 20.00 -0.08 -1.82
CA PRO A 78 21.22 -0.69 -2.38
C PRO A 78 20.95 -2.01 -3.09
N GLY A 79 21.19 -2.04 -4.39
CA GLY A 79 21.00 -3.25 -5.17
C GLY A 79 19.61 -3.86 -5.03
N VAL A 80 18.61 -3.01 -4.87
CA VAL A 80 17.23 -3.46 -4.69
C VAL A 80 16.68 -4.34 -5.82
N VAL A 81 17.12 -4.10 -7.06
CA VAL A 81 16.61 -4.91 -8.17
C VAL A 81 16.96 -6.39 -8.01
N ALA A 82 18.25 -6.68 -7.83
CA ALA A 82 18.68 -8.07 -7.68
C ALA A 82 18.19 -8.67 -6.35
N GLU A 83 18.19 -7.87 -5.29
CA GLU A 83 17.73 -8.35 -3.99
C GLU A 83 16.27 -8.76 -4.02
N VAL A 84 15.41 -7.93 -4.60
CA VAL A 84 13.99 -8.23 -4.68
C VAL A 84 13.78 -9.49 -5.52
N ARG A 85 14.57 -9.62 -6.58
CA ARG A 85 14.46 -10.80 -7.42
C ARG A 85 14.72 -12.04 -6.55
N LYS A 86 15.75 -11.97 -5.72
CA LYS A 86 16.09 -13.08 -4.84
C LYS A 86 14.99 -13.33 -3.81
N MET A 87 14.46 -12.25 -3.26
CA MET A 87 13.40 -12.35 -2.25
C MET A 87 12.13 -12.98 -2.80
N MET A 88 11.79 -12.70 -4.05
CA MET A 88 10.58 -13.27 -4.64
C MET A 88 10.73 -14.75 -4.92
N GLY A 89 11.95 -15.16 -5.28
CA GLY A 89 12.19 -16.55 -5.58
C GLY A 89 11.89 -16.86 -7.05
N ALA A 90 12.17 -18.10 -7.45
CA ALA A 90 11.94 -18.54 -8.82
C ALA A 90 10.55 -18.21 -9.33
N THR A 91 10.46 -17.85 -10.61
CA THR A 91 9.18 -17.50 -11.23
C THR A 91 8.19 -18.64 -11.06
N HIS A 92 8.64 -19.86 -11.33
CA HIS A 92 7.79 -21.04 -11.18
C HIS A 92 7.87 -21.47 -9.71
N PRO A 93 6.75 -21.36 -8.98
CA PRO A 93 6.68 -21.74 -7.56
C PRO A 93 7.28 -23.12 -7.25
N LYS A 94 7.31 -23.99 -8.25
CA LYS A 94 7.87 -25.33 -8.06
C LYS A 94 9.37 -25.25 -7.80
N ASP A 95 10.02 -24.25 -8.37
CA ASP A 95 11.45 -24.06 -8.20
C ASP A 95 11.76 -23.07 -7.08
N ALA A 96 10.76 -22.31 -6.65
CA ALA A 96 10.95 -21.32 -5.58
C ALA A 96 11.20 -21.99 -4.24
N LEU A 97 12.28 -21.59 -3.57
CA LEU A 97 12.65 -22.16 -2.28
C LEU A 97 11.92 -21.55 -1.10
N PRO A 98 11.68 -22.35 -0.05
CA PRO A 98 10.99 -21.85 1.16
C PRO A 98 11.78 -20.66 1.68
N GLY A 99 11.08 -19.67 2.23
CA GLY A 99 11.74 -18.48 2.74
C GLY A 99 11.53 -17.36 1.74
N THR A 100 11.23 -17.78 0.51
CA THR A 100 10.99 -16.89 -0.62
C THR A 100 9.50 -16.52 -0.67
N ILE A 101 9.16 -15.39 -1.27
CA ILE A 101 7.74 -15.00 -1.36
C ILE A 101 6.93 -16.04 -2.13
N ARG A 102 7.38 -16.40 -3.33
CA ARG A 102 6.65 -17.41 -4.09
C ARG A 102 6.78 -18.78 -3.42
N GLY A 103 7.93 -19.04 -2.81
CA GLY A 103 8.14 -20.31 -2.15
C GLY A 103 7.17 -20.50 -0.98
N ASP A 104 6.83 -19.41 -0.30
CA ASP A 104 5.93 -19.51 0.85
C ASP A 104 4.46 -19.30 0.52
N PHE A 105 4.17 -18.54 -0.53
CA PHE A 105 2.78 -18.23 -0.88
C PHE A 105 2.17 -18.74 -2.19
N ALA A 106 2.98 -19.14 -3.15
CA ALA A 106 2.42 -19.59 -4.42
C ALA A 106 2.51 -21.08 -4.68
N THR A 107 1.58 -21.58 -5.51
CA THR A 107 1.54 -23.01 -5.86
C THR A 107 1.57 -23.27 -7.38
N THR A 108 1.11 -22.31 -8.18
CA THR A 108 1.11 -22.49 -9.64
C THR A 108 1.78 -21.32 -10.36
N ILE A 109 2.24 -21.57 -11.58
CA ILE A 109 2.90 -20.54 -12.37
C ILE A 109 1.96 -19.42 -12.83
N ASP A 110 0.74 -19.78 -13.24
CA ASP A 110 -0.23 -18.77 -13.70
C ASP A 110 -0.54 -17.75 -12.60
N GLU A 111 -0.72 -18.24 -11.38
CA GLU A 111 -1.02 -17.38 -10.24
C GLU A 111 0.17 -17.41 -9.30
N ASN A 112 1.23 -16.70 -9.66
CA ASN A 112 2.42 -16.70 -8.85
C ASN A 112 2.62 -15.49 -7.94
N VAL A 113 1.49 -14.90 -7.51
CA VAL A 113 1.46 -13.81 -6.53
C VAL A 113 2.15 -12.47 -6.74
N ILE A 114 3.32 -12.47 -7.37
CA ILE A 114 4.07 -11.23 -7.48
C ILE A 114 4.98 -11.15 -8.69
N HIS A 115 5.37 -9.92 -9.03
CA HIS A 115 6.29 -9.63 -10.13
C HIS A 115 7.28 -8.60 -9.63
N GLY A 116 8.52 -8.71 -10.11
CA GLY A 116 9.55 -7.75 -9.74
C GLY A 116 10.46 -7.56 -10.94
N SER A 117 10.86 -6.31 -11.21
CA SER A 117 11.72 -6.00 -12.35
C SER A 117 12.92 -6.94 -12.44
N ALA A 118 13.16 -7.46 -13.64
CA ALA A 118 14.27 -8.38 -13.88
C ALA A 118 15.62 -7.69 -13.91
N THR A 119 15.67 -6.46 -14.44
CA THR A 119 16.91 -5.71 -14.54
C THR A 119 16.70 -4.22 -14.30
N LEU A 120 17.79 -3.48 -14.18
CA LEU A 120 17.73 -2.05 -13.97
C LEU A 120 16.96 -1.39 -15.11
N GLU A 121 17.22 -1.85 -16.33
CA GLU A 121 16.56 -1.31 -17.51
C GLU A 121 15.07 -1.60 -17.50
N ASP A 122 14.70 -2.81 -17.13
CA ASP A 122 13.29 -3.18 -17.07
C ASP A 122 12.59 -2.34 -16.00
N ALA A 123 13.32 -2.04 -14.93
CA ALA A 123 12.77 -1.25 -13.83
C ALA A 123 12.37 0.15 -14.29
N GLN A 124 13.26 0.82 -15.01
CA GLN A 124 12.96 2.17 -15.50
C GLN A 124 11.72 2.14 -16.38
N ARG A 125 11.65 1.18 -17.28
CA ARG A 125 10.51 1.06 -18.18
C ARG A 125 9.20 0.77 -17.45
N GLU A 126 9.23 -0.19 -16.54
CA GLU A 126 8.01 -0.55 -15.81
C GLU A 126 7.52 0.59 -14.92
N ILE A 127 8.42 1.24 -14.23
CA ILE A 127 8.06 2.35 -13.36
C ILE A 127 7.36 3.46 -14.16
N ALA A 128 7.90 3.76 -15.34
CA ALA A 128 7.34 4.80 -16.19
C ALA A 128 5.98 4.41 -16.76
N LEU A 129 5.77 3.10 -16.90
CA LEU A 129 4.52 2.59 -17.46
C LEU A 129 3.37 2.51 -16.45
N PHE A 130 3.70 2.10 -15.23
CA PHE A 130 2.69 1.94 -14.17
C PHE A 130 2.40 3.16 -13.30
N PHE A 131 3.38 4.05 -13.16
CA PHE A 131 3.25 5.24 -12.33
C PHE A 131 3.37 6.57 -13.06
N ARG A 132 2.67 7.59 -12.57
CA ARG A 132 2.78 8.92 -13.14
C ARG A 132 4.04 9.43 -12.44
N PRO A 133 4.87 10.23 -13.11
CA PRO A 133 6.10 10.74 -12.49
C PRO A 133 5.92 11.40 -11.12
N GLU A 134 4.82 12.12 -10.93
CA GLU A 134 4.58 12.79 -9.66
C GLU A 134 4.23 11.82 -8.52
N GLU A 135 4.01 10.55 -8.86
CA GLU A 135 3.67 9.55 -7.86
C GLU A 135 4.90 8.93 -7.21
N LEU A 136 6.08 9.28 -7.70
CA LEU A 136 7.33 8.77 -7.14
C LEU A 136 7.78 9.78 -6.10
N LEU A 137 8.00 9.31 -4.87
CA LEU A 137 8.41 10.19 -3.78
C LEU A 137 9.76 9.77 -3.19
N MET B 1 -21.93 -1.81 2.30
CA MET B 1 -20.88 -1.12 1.51
C MET B 1 -20.24 0.01 2.31
N GLU B 2 -20.35 -0.03 3.64
CA GLU B 2 -19.78 1.01 4.48
C GLU B 2 -18.27 1.06 4.25
N ARG B 3 -17.69 2.25 4.35
CA ARG B 3 -16.26 2.42 4.14
C ARG B 3 -15.69 3.49 5.07
N THR B 4 -14.39 3.42 5.30
CA THR B 4 -13.74 4.39 6.15
C THR B 4 -12.39 4.77 5.55
N PHE B 5 -11.87 5.90 6.01
CA PHE B 5 -10.58 6.40 5.55
C PHE B 5 -9.52 6.20 6.63
N VAL B 6 -8.39 5.63 6.25
CA VAL B 6 -7.30 5.41 7.18
C VAL B 6 -6.02 5.99 6.62
N MET B 7 -5.22 6.60 7.50
CA MET B 7 -3.95 7.14 7.08
C MET B 7 -2.86 6.68 8.03
N ILE B 8 -1.81 6.09 7.49
CA ILE B 8 -0.67 5.69 8.30
C ILE B 8 0.20 6.93 8.24
N LYS B 9 0.33 7.60 9.38
CA LYS B 9 1.08 8.84 9.50
C LYS B 9 2.56 8.72 9.15
N PRO B 10 3.25 9.86 8.98
CA PRO B 10 4.68 9.84 8.64
C PRO B 10 5.55 8.96 9.52
N ASP B 11 5.26 8.96 10.81
CA ASP B 11 6.02 8.14 11.76
C ASP B 11 5.79 6.65 11.53
N GLY B 12 4.55 6.29 11.20
CA GLY B 12 4.25 4.90 10.94
C GLY B 12 5.00 4.42 9.70
N VAL B 13 5.09 5.29 8.70
CA VAL B 13 5.78 4.95 7.46
C VAL B 13 7.30 4.82 7.66
N ARG B 14 7.92 5.81 8.29
CA ARG B 14 9.37 5.74 8.49
C ARG B 14 9.79 4.60 9.41
N ARG B 15 8.91 4.16 10.30
CA ARG B 15 9.26 3.05 11.18
C ARG B 15 9.01 1.69 10.52
N GLY B 16 8.55 1.72 9.27
CA GLY B 16 8.29 0.49 8.53
C GLY B 16 7.15 -0.36 9.05
N LEU B 17 6.04 0.29 9.43
CA LEU B 17 4.88 -0.40 9.96
C LEU B 17 3.73 -0.54 8.97
N VAL B 18 3.94 -0.10 7.73
CA VAL B 18 2.88 -0.16 6.73
C VAL B 18 2.32 -1.57 6.51
N GLY B 19 3.20 -2.52 6.18
CA GLY B 19 2.77 -3.88 5.94
C GLY B 19 2.08 -4.55 7.12
N GLU B 20 2.67 -4.43 8.31
CA GLU B 20 2.09 -5.02 9.51
C GLU B 20 0.69 -4.50 9.76
N ILE B 21 0.49 -3.21 9.58
CA ILE B 21 -0.82 -2.60 9.79
C ILE B 21 -1.82 -3.07 8.74
N LEU B 22 -1.43 -3.01 7.47
CA LEU B 22 -2.32 -3.47 6.41
C LEU B 22 -2.71 -4.93 6.67
N ALA B 23 -1.75 -5.74 7.08
CA ALA B 23 -1.99 -7.16 7.35
C ALA B 23 -3.09 -7.37 8.39
N ARG B 24 -3.16 -6.49 9.38
CA ARG B 24 -4.18 -6.60 10.41
C ARG B 24 -5.55 -6.37 9.80
N PHE B 25 -5.66 -5.43 8.87
CA PHE B 25 -6.94 -5.16 8.23
C PHE B 25 -7.33 -6.27 7.26
N GLU B 26 -6.35 -6.86 6.59
CA GLU B 26 -6.63 -7.95 5.66
C GLU B 26 -7.04 -9.23 6.39
N ARG B 27 -6.36 -9.57 7.49
CA ARG B 27 -6.72 -10.78 8.23
C ARG B 27 -8.09 -10.62 8.88
N LYS B 28 -8.47 -9.38 9.15
CA LYS B 28 -9.77 -9.08 9.75
C LYS B 28 -10.87 -9.36 8.72
N GLY B 29 -10.54 -9.20 7.44
CA GLY B 29 -11.52 -9.45 6.39
C GLY B 29 -12.02 -8.21 5.67
N PHE B 30 -11.44 -7.05 5.97
CA PHE B 30 -11.85 -5.83 5.29
C PHE B 30 -11.26 -5.77 3.90
N ARG B 31 -11.94 -5.09 2.99
CA ARG B 31 -11.48 -4.96 1.61
C ARG B 31 -10.77 -3.63 1.41
N ILE B 32 -9.63 -3.66 0.73
CA ILE B 32 -8.89 -2.44 0.44
C ILE B 32 -9.51 -1.89 -0.85
N ALA B 33 -10.20 -0.75 -0.74
CA ALA B 33 -10.86 -0.15 -1.89
C ALA B 33 -9.98 0.90 -2.55
N ALA B 34 -8.98 1.37 -1.83
CA ALA B 34 -8.06 2.38 -2.34
C ALA B 34 -6.80 2.35 -1.50
N LEU B 35 -5.67 2.77 -2.08
CA LEU B 35 -4.40 2.76 -1.38
C LEU B 35 -3.34 3.51 -2.15
N LYS B 36 -2.57 4.36 -1.47
CA LYS B 36 -1.50 5.09 -2.13
C LYS B 36 -0.57 5.80 -1.16
N LEU B 37 0.70 5.89 -1.56
CA LEU B 37 1.70 6.60 -0.78
C LEU B 37 1.63 8.01 -1.34
N MET B 38 1.57 9.02 -0.48
CA MET B 38 1.47 10.38 -0.95
C MET B 38 2.15 11.34 0.01
N GLN B 39 2.40 12.56 -0.48
CA GLN B 39 3.03 13.60 0.33
C GLN B 39 1.96 14.67 0.46
N ILE B 40 1.52 14.93 1.68
CA ILE B 40 0.50 15.93 1.92
C ILE B 40 1.10 17.33 1.86
N SER B 41 0.53 18.18 1.02
CA SER B 41 1.02 19.54 0.88
C SER B 41 0.54 20.39 2.05
N GLN B 42 1.19 21.54 2.24
CA GLN B 42 0.85 22.45 3.32
C GLN B 42 -0.62 22.84 3.23
N GLU B 43 -1.06 23.26 2.06
CA GLU B 43 -2.45 23.67 1.87
C GLU B 43 -3.43 22.52 2.12
N LEU B 44 -3.13 21.35 1.57
CA LEU B 44 -4.00 20.19 1.75
C LEU B 44 -4.17 19.85 3.24
N ALA B 45 -3.06 19.84 3.97
CA ALA B 45 -3.10 19.53 5.40
C ALA B 45 -3.97 20.53 6.15
N GLU B 46 -3.79 21.81 5.84
CA GLU B 46 -4.55 22.87 6.50
C GLU B 46 -6.05 22.74 6.24
N ARG B 47 -6.40 22.26 5.04
CA ARG B 47 -7.81 22.08 4.70
C ARG B 47 -8.37 20.93 5.53
N HIS B 48 -7.57 19.87 5.65
CA HIS B 48 -7.97 18.70 6.42
C HIS B 48 -8.27 19.08 7.86
N TYR B 49 -7.36 19.84 8.47
CA TYR B 49 -7.53 20.29 9.85
C TYR B 49 -8.16 21.67 9.89
N ALA B 50 -8.96 21.99 8.88
CA ALA B 50 -9.62 23.28 8.78
C ALA B 50 -10.41 23.67 10.03
N GLU B 51 -11.13 22.70 10.59
CA GLU B 51 -11.93 22.94 11.78
C GLU B 51 -11.10 23.40 12.98
N HIS B 52 -9.81 23.06 12.97
CA HIS B 52 -8.92 23.43 14.06
C HIS B 52 -8.04 24.62 13.70
N ARG B 53 -8.41 25.30 12.61
CA ARG B 53 -7.66 26.46 12.14
C ARG B 53 -7.39 27.50 13.23
N GLU B 54 -8.25 27.54 14.23
CA GLU B 54 -8.10 28.50 15.32
C GLU B 54 -7.48 27.90 16.57
N LYS B 55 -7.35 26.58 16.59
CA LYS B 55 -6.76 25.89 17.72
C LYS B 55 -5.28 26.27 17.83
N PRO B 56 -4.67 26.09 19.01
CA PRO B 56 -3.26 26.42 19.22
C PRO B 56 -2.34 25.30 18.73
N PHE B 57 -2.90 24.11 18.59
CA PHE B 57 -2.14 22.95 18.14
C PHE B 57 -2.25 22.72 16.64
N PHE B 58 -2.98 23.61 15.95
CA PHE B 58 -3.16 23.50 14.52
C PHE B 58 -1.82 23.47 13.78
N PRO B 59 -0.91 24.41 14.08
CA PRO B 59 0.39 24.42 13.40
C PRO B 59 1.15 23.12 13.61
N GLY B 60 0.99 22.54 14.81
CA GLY B 60 1.66 21.29 15.12
C GLY B 60 1.12 20.11 14.32
N LEU B 61 -0.19 20.04 14.19
CA LEU B 61 -0.81 18.97 13.43
C LEU B 61 -0.33 19.01 11.98
N VAL B 62 -0.41 20.20 11.39
CA VAL B 62 0.01 20.42 10.01
C VAL B 62 1.46 20.04 9.77
N ARG B 63 2.32 20.44 10.69
CA ARG B 63 3.75 20.16 10.58
C ARG B 63 4.05 18.66 10.56
N PHE B 64 3.54 17.94 11.55
CA PHE B 64 3.78 16.51 11.62
C PHE B 64 3.21 15.71 10.45
N ILE B 65 1.98 16.00 10.05
CA ILE B 65 1.35 15.27 8.97
C ILE B 65 2.03 15.51 7.62
N THR B 66 2.83 16.58 7.53
CA THR B 66 3.52 16.88 6.28
C THR B 66 5.03 16.63 6.40
N SER B 67 5.46 16.11 7.53
CA SER B 67 6.89 15.85 7.78
C SER B 67 7.47 14.75 6.92
N GLY B 68 6.61 14.04 6.19
CA GLY B 68 7.08 12.96 5.34
C GLY B 68 5.91 12.26 4.68
N PRO B 69 6.16 11.34 3.74
CA PRO B 69 5.07 10.63 3.08
C PRO B 69 4.20 9.82 4.02
N VAL B 70 2.93 9.69 3.66
CA VAL B 70 1.97 8.92 4.44
C VAL B 70 1.33 7.91 3.49
N VAL B 71 0.67 6.91 4.05
CA VAL B 71 -0.02 5.91 3.24
C VAL B 71 -1.50 6.08 3.54
N ALA B 72 -2.26 6.49 2.52
CA ALA B 72 -3.70 6.69 2.65
C ALA B 72 -4.42 5.48 2.07
N MET B 73 -5.58 5.14 2.64
CA MET B 73 -6.33 3.99 2.17
C MET B 73 -7.81 4.10 2.53
N VAL B 74 -8.60 3.29 1.84
CA VAL B 74 -10.04 3.22 2.10
C VAL B 74 -10.30 1.75 2.33
N LEU B 75 -10.99 1.44 3.43
CA LEU B 75 -11.31 0.07 3.78
C LEU B 75 -12.82 -0.08 3.77
N GLU B 76 -13.30 -1.22 3.27
CA GLU B 76 -14.73 -1.51 3.21
C GLU B 76 -15.08 -2.76 4.00
N GLY B 77 -16.25 -2.72 4.65
CA GLY B 77 -16.69 -3.86 5.41
C GLY B 77 -17.81 -3.51 6.38
N PRO B 78 -18.46 -4.51 6.99
CA PRO B 78 -19.55 -4.32 7.94
C PRO B 78 -19.13 -3.41 9.09
N GLY B 79 -19.84 -2.30 9.26
CA GLY B 79 -19.52 -1.37 10.33
C GLY B 79 -18.04 -1.06 10.45
N VAL B 80 -17.36 -0.99 9.31
CA VAL B 80 -15.92 -0.73 9.28
C VAL B 80 -15.46 0.57 9.95
N VAL B 81 -16.28 1.62 9.94
CA VAL B 81 -15.85 2.86 10.58
C VAL B 81 -15.60 2.65 12.08
N ALA B 82 -16.59 2.12 12.78
CA ALA B 82 -16.45 1.88 14.22
C ALA B 82 -15.47 0.76 14.51
N GLU B 83 -15.43 -0.26 13.66
CA GLU B 83 -14.54 -1.39 13.87
C GLU B 83 -13.08 -0.96 13.76
N VAL B 84 -12.79 -0.08 12.81
CA VAL B 84 -11.42 0.41 12.63
C VAL B 84 -11.02 1.32 13.80
N ARG B 85 -11.96 2.10 14.31
CA ARG B 85 -11.64 2.96 15.45
C ARG B 85 -11.28 2.06 16.63
N LYS B 86 -12.00 0.95 16.75
CA LYS B 86 -11.76 -0.02 17.82
C LYS B 86 -10.38 -0.66 17.64
N MET B 87 -10.06 -1.04 16.40
CA MET B 87 -8.77 -1.67 16.11
C MET B 87 -7.58 -0.75 16.35
N MET B 88 -7.73 0.53 16.05
CA MET B 88 -6.63 1.48 16.26
C MET B 88 -6.37 1.75 17.74
N GLY B 89 -7.43 1.72 18.55
CA GLY B 89 -7.28 1.98 19.97
C GLY B 89 -7.40 3.47 20.26
N ALA B 90 -7.35 3.84 21.54
CA ALA B 90 -7.46 5.24 21.96
C ALA B 90 -6.48 6.14 21.23
N THR B 91 -6.90 7.38 20.98
CA THR B 91 -6.05 8.35 20.28
C THR B 91 -4.71 8.54 21.01
N HIS B 92 -4.75 8.57 22.33
CA HIS B 92 -3.50 8.70 23.09
C HIS B 92 -3.05 7.29 23.42
N PRO B 93 -1.88 6.88 22.90
CA PRO B 93 -1.34 5.54 23.14
C PRO B 93 -1.37 5.06 24.59
N LYS B 94 -1.14 5.98 25.53
CA LYS B 94 -1.13 5.59 26.94
C LYS B 94 -2.46 4.95 27.38
N ASP B 95 -3.54 5.34 26.70
CA ASP B 95 -4.86 4.81 27.03
C ASP B 95 -5.33 3.74 26.04
N ALA B 96 -4.49 3.44 25.05
CA ALA B 96 -4.84 2.43 24.06
C ALA B 96 -4.52 1.05 24.63
N LEU B 97 -5.44 0.11 24.46
CA LEU B 97 -5.25 -1.22 25.00
C LEU B 97 -4.36 -2.13 24.17
N PRO B 98 -3.62 -3.04 24.83
CA PRO B 98 -2.75 -3.96 24.10
C PRO B 98 -3.67 -4.68 23.11
N GLY B 99 -3.16 -5.00 21.92
CA GLY B 99 -3.98 -5.66 20.93
C GLY B 99 -4.43 -4.67 19.86
N THR B 100 -4.49 -3.39 20.22
CA THR B 100 -4.87 -2.35 19.26
C THR B 100 -3.60 -1.86 18.59
N ILE B 101 -3.74 -1.21 17.44
CA ILE B 101 -2.58 -0.71 16.70
C ILE B 101 -1.76 0.31 17.49
N ARG B 102 -2.41 1.30 18.09
CA ARG B 102 -1.65 2.29 18.84
C ARG B 102 -1.16 1.71 20.16
N GLY B 103 -1.92 0.78 20.74
CA GLY B 103 -1.51 0.15 21.97
C GLY B 103 -0.27 -0.70 21.77
N ASP B 104 -0.14 -1.28 20.58
CA ASP B 104 1.01 -2.15 20.29
C ASP B 104 2.23 -1.44 19.66
N PHE B 105 1.99 -0.38 18.88
CA PHE B 105 3.08 0.32 18.18
C PHE B 105 3.43 1.75 18.58
N ALA B 106 2.54 2.45 19.31
CA ALA B 106 2.79 3.85 19.66
C ALA B 106 3.04 4.15 21.14
N THR B 107 3.76 5.25 21.39
CA THR B 107 4.08 5.68 22.75
C THR B 107 3.70 7.14 23.04
N THR B 108 3.56 7.95 21.99
CA THR B 108 3.19 9.36 22.19
C THR B 108 2.01 9.77 21.33
N ILE B 109 1.25 10.74 21.83
CA ILE B 109 0.08 11.24 21.11
C ILE B 109 0.49 11.95 19.81
N ASP B 110 1.59 12.70 19.85
CA ASP B 110 2.04 13.43 18.66
C ASP B 110 2.40 12.49 17.50
N GLU B 111 2.97 11.35 17.85
CA GLU B 111 3.34 10.36 16.84
C GLU B 111 2.58 9.08 17.17
N ASN B 112 1.26 9.11 16.97
CA ASN B 112 0.44 7.96 17.28
C ASN B 112 0.17 7.01 16.11
N VAL B 113 1.11 7.00 15.17
CA VAL B 113 1.13 6.09 14.02
C VAL B 113 0.01 6.06 12.97
N ILE B 114 -1.23 6.23 13.39
CA ILE B 114 -2.33 6.10 12.46
C ILE B 114 -3.53 6.98 12.77
N HIS B 115 -4.36 7.17 11.73
CA HIS B 115 -5.59 7.95 11.83
C HIS B 115 -6.70 7.16 11.12
N GLY B 116 -7.91 7.24 11.66
CA GLY B 116 -9.05 6.58 11.06
C GLY B 116 -10.26 7.50 11.21
N SER B 117 -11.14 7.55 10.22
CA SER B 117 -12.32 8.43 10.29
C SER B 117 -13.16 8.21 11.54
N ALA B 118 -13.59 9.31 12.16
CA ALA B 118 -14.38 9.23 13.37
C ALA B 118 -15.83 8.81 13.10
N THR B 119 -16.36 9.25 11.96
CA THR B 119 -17.73 8.94 11.57
C THR B 119 -17.80 8.74 10.07
N LEU B 120 -18.93 8.22 9.59
CA LEU B 120 -19.13 7.99 8.17
C LEU B 120 -19.04 9.32 7.41
N GLU B 121 -19.52 10.39 8.03
CA GLU B 121 -19.46 11.71 7.40
C GLU B 121 -18.02 12.19 7.25
N ASP B 122 -17.21 11.96 8.28
CA ASP B 122 -15.81 12.37 8.22
C ASP B 122 -15.10 11.54 7.15
N ALA B 123 -15.50 10.27 7.05
CA ALA B 123 -14.92 9.36 6.07
C ALA B 123 -15.14 9.85 4.65
N GLN B 124 -16.39 10.24 4.35
CA GLN B 124 -16.72 10.74 3.01
C GLN B 124 -15.91 11.98 2.71
N ARG B 125 -15.80 12.87 3.70
CA ARG B 125 -15.04 14.12 3.56
C ARG B 125 -13.56 13.83 3.29
N GLU B 126 -12.98 12.96 4.11
CA GLU B 126 -11.58 12.61 3.97
C GLU B 126 -11.27 11.89 2.68
N ILE B 127 -12.18 11.03 2.23
CA ILE B 127 -11.97 10.30 0.98
C ILE B 127 -12.00 11.28 -0.20
N ALA B 128 -12.95 12.20 -0.18
CA ALA B 128 -13.08 13.19 -1.24
C ALA B 128 -11.86 14.12 -1.27
N LEU B 129 -11.25 14.31 -0.11
CA LEU B 129 -10.10 15.20 0.00
C LEU B 129 -8.75 14.59 -0.39
N PHE B 130 -8.50 13.37 0.07
CA PHE B 130 -7.22 12.72 -0.20
C PHE B 130 -7.14 11.83 -1.44
N PHE B 131 -8.29 11.41 -1.96
CA PHE B 131 -8.33 10.54 -3.13
C PHE B 131 -9.11 11.15 -4.29
N ARG B 132 -8.68 10.82 -5.52
CA ARG B 132 -9.41 11.26 -6.70
C ARG B 132 -10.42 10.13 -6.88
N PRO B 133 -11.60 10.44 -7.43
CA PRO B 133 -12.63 9.42 -7.64
C PRO B 133 -12.15 8.15 -8.33
N GLU B 134 -11.35 8.33 -9.38
CA GLU B 134 -10.84 7.20 -10.15
C GLU B 134 -9.89 6.29 -9.37
N GLU B 135 -9.45 6.74 -8.20
CA GLU B 135 -8.54 5.95 -7.38
C GLU B 135 -9.28 4.97 -6.45
N LEU B 136 -10.61 5.03 -6.47
CA LEU B 136 -11.43 4.12 -5.67
C LEU B 136 -11.82 2.94 -6.54
N LEU B 137 -11.59 1.72 -6.04
CA LEU B 137 -11.90 0.51 -6.79
C LEU B 137 -12.90 -0.40 -6.08
#